data_5J5R
#
_entry.id   5J5R
#
_cell.length_a   89.360
_cell.length_b   89.360
_cell.length_c   84.920
_cell.angle_alpha   90.00
_cell.angle_beta   90.00
_cell.angle_gamma   90.00
#
_symmetry.space_group_name_H-M   'I 4'
#
loop_
_entity.id
_entity.type
_entity.pdbx_description
1 polymer "Inosine-5'-monophosphate dehydrogenase,Inosine-5'-monophosphate dehydrogenase"
2 non-polymer cyclohexyl{4-[(isoquinolin-5-yl)sulfonyl]piperazin-1-yl}methanone
3 non-polymer 'INOSINIC ACID'
4 water water
#
_entity_poly.entity_id   1
_entity_poly.type   'polypeptide(L)'
_entity_poly.pdbx_seq_one_letter_code
;GSSIAERSVPIAVPVPTGGDDPTKIAMLGLTFDDVLLLPAASDVLPANADTSSQLTKKIRLKVPLVSSAMDTVTEARMAI
AMARAGGMGVLHRNLPVAEQAAQVETVKRSGGLLVGAAVGVGDDAWERAMALRDAGVDVLVVDTAHAHNRKVLDMVHRLK
TTVGDEIEVVGGNVATRAAAAALVEAGADAVKVGVGPGSICTTRVVAGVGAPQITAILEAVAACAPHGVPVIADGGLQYS
GDIAKALAAGASTAMLGSLLAGTAESPGELILVNGKQFKSYRGMGSLGAMQGRGGAKSYSKDRYFQDDALSEDKLVPEGI
EGRVPFRGPLSTVIHQLVGGLRAAMGYTGSATIEELQQAQFVQITAAGLKESHPHDITMTVEAPNYYAR
;
_entity_poly.pdbx_strand_id   A
#
# COMPACT_ATOMS: atom_id res chain seq x y z
N PRO A 14 34.15 -8.06 -20.90
CA PRO A 14 33.04 -7.13 -20.64
C PRO A 14 31.82 -7.84 -20.06
N VAL A 15 30.99 -7.08 -19.37
CA VAL A 15 29.69 -7.56 -18.89
C VAL A 15 28.85 -7.99 -20.10
N PRO A 16 28.13 -9.12 -19.98
CA PRO A 16 27.36 -9.65 -21.12
C PRO A 16 26.32 -8.68 -21.69
N THR A 17 25.83 -7.74 -20.89
CA THR A 17 24.83 -6.78 -21.37
C THR A 17 25.43 -5.43 -21.74
N GLY A 18 26.74 -5.30 -21.58
CA GLY A 18 27.44 -4.14 -22.09
C GLY A 18 28.22 -3.36 -21.06
N GLY A 19 29.31 -2.77 -21.51
CA GLY A 19 30.18 -2.00 -20.63
C GLY A 19 31.06 -2.92 -19.82
N ASP A 20 31.80 -2.33 -18.89
CA ASP A 20 32.74 -3.08 -18.06
C ASP A 20 32.37 -3.12 -16.58
N ASP A 21 31.21 -2.54 -16.25
CA ASP A 21 30.79 -2.37 -14.86
C ASP A 21 29.60 -3.28 -14.52
N PRO A 22 29.85 -4.35 -13.73
CA PRO A 22 28.83 -5.32 -13.35
C PRO A 22 27.73 -4.72 -12.49
N THR A 23 27.98 -3.56 -11.89
CA THR A 23 26.99 -2.98 -10.99
C THR A 23 26.05 -2.03 -11.72
N LYS A 24 26.32 -1.75 -12.99
CA LYS A 24 25.50 -0.78 -13.75
C LYS A 24 24.07 -1.26 -13.84
N ILE A 25 23.91 -2.54 -14.15
CA ILE A 25 22.60 -3.17 -14.06
C ILE A 25 22.62 -3.95 -12.74
N ALA A 26 21.99 -3.38 -11.72
CA ALA A 26 22.19 -3.78 -10.32
C ALA A 26 21.46 -5.06 -9.90
N MET A 27 20.37 -5.39 -10.61
CA MET A 27 19.53 -6.51 -10.24
CA MET A 27 19.53 -6.51 -10.24
C MET A 27 18.58 -6.88 -11.37
N LEU A 28 17.97 -8.06 -11.26
CA LEU A 28 16.89 -8.47 -12.15
C LEU A 28 15.59 -8.31 -11.36
N GLY A 29 14.71 -7.40 -11.79
CA GLY A 29 13.54 -7.07 -11.00
C GLY A 29 12.34 -7.90 -11.42
N LEU A 30 11.76 -8.60 -10.45
CA LEU A 30 10.55 -9.41 -10.66
C LEU A 30 9.31 -8.67 -10.19
N THR A 31 8.25 -8.77 -10.98
CA THR A 31 6.93 -8.29 -10.57
C THR A 31 6.05 -9.48 -10.19
N PHE A 32 4.81 -9.19 -9.78
CA PHE A 32 3.90 -10.24 -9.32
C PHE A 32 3.70 -11.33 -10.37
N ASP A 33 3.56 -10.94 -11.64
CA ASP A 33 3.27 -11.91 -12.69
C ASP A 33 4.46 -12.86 -12.98
N ASP A 34 5.63 -12.54 -12.44
CA ASP A 34 6.84 -13.36 -12.64
C ASP A 34 6.92 -14.56 -11.71
N VAL A 35 6.09 -14.60 -10.67
CA VAL A 35 6.20 -15.68 -9.68
C VAL A 35 4.86 -16.30 -9.33
N LEU A 36 4.91 -17.51 -8.81
CA LEU A 36 3.75 -18.17 -8.18
C LEU A 36 4.19 -18.72 -6.83
N LEU A 37 3.26 -18.79 -5.89
CA LEU A 37 3.53 -19.48 -4.63
C LEU A 37 3.53 -20.99 -4.81
N LEU A 38 4.52 -21.65 -4.23
CA LEU A 38 4.56 -23.09 -4.25
C LEU A 38 3.72 -23.66 -3.11
N PRO A 39 2.92 -24.69 -3.40
CA PRO A 39 2.24 -25.40 -2.32
C PRO A 39 3.26 -26.05 -1.39
N ALA A 40 2.87 -26.24 -0.13
CA ALA A 40 3.75 -26.88 0.85
C ALA A 40 2.88 -27.73 1.75
N ALA A 41 3.49 -28.58 2.55
CA ALA A 41 2.75 -29.41 3.49
C ALA A 41 1.81 -28.54 4.32
N SER A 42 0.57 -28.97 4.44
CA SER A 42 -0.42 -28.14 5.09
C SER A 42 -1.43 -28.90 5.93
N ASP A 43 -1.74 -28.40 7.12
N ASP A 43 -1.70 -28.36 7.12
CA ASP A 43 -2.92 -28.88 7.82
CA ASP A 43 -2.80 -28.82 7.96
C ASP A 43 -3.77 -27.67 8.18
C ASP A 43 -3.79 -27.67 8.17
N VAL A 44 -3.63 -26.62 7.37
CA VAL A 44 -4.41 -25.39 7.53
C VAL A 44 -5.65 -25.35 6.64
N LEU A 45 -6.82 -25.26 7.26
CA LEU A 45 -8.05 -25.00 6.53
C LEU A 45 -8.15 -23.52 6.25
N PRO A 46 -8.50 -23.14 5.00
CA PRO A 46 -8.63 -21.72 4.67
C PRO A 46 -9.54 -20.94 5.65
N ALA A 47 -10.67 -21.52 6.01
CA ALA A 47 -11.60 -20.85 6.93
C ALA A 47 -11.00 -20.59 8.31
N ASN A 48 -10.00 -21.38 8.70
CA ASN A 48 -9.40 -21.24 10.02
C ASN A 48 -8.07 -20.47 10.07
N ALA A 49 -7.54 -20.13 8.91
CA ALA A 49 -6.32 -19.34 8.88
C ALA A 49 -6.53 -18.00 9.62
N ASP A 50 -5.45 -17.54 10.27
CA ASP A 50 -5.46 -16.25 10.96
C ASP A 50 -4.90 -15.19 10.03
N THR A 51 -5.75 -14.26 9.57
CA THR A 51 -5.33 -13.27 8.58
C THR A 51 -4.81 -11.97 9.18
N SER A 52 -4.73 -11.90 10.52
CA SER A 52 -4.29 -10.67 11.17
C SER A 52 -2.82 -10.37 10.87
N SER A 53 -2.45 -9.10 10.87
CA SER A 53 -1.07 -8.74 10.55
C SER A 53 -0.76 -7.33 11.04
N GLN A 54 0.51 -7.04 11.30
CA GLN A 54 0.92 -5.71 11.73
C GLN A 54 0.84 -4.69 10.61
N LEU A 55 0.03 -3.64 10.79
CA LEU A 55 0.11 -2.47 9.93
C LEU A 55 1.35 -1.65 10.29
N THR A 56 1.57 -1.46 11.59
CA THR A 56 2.73 -0.74 12.09
C THR A 56 3.31 -1.54 13.24
N LYS A 57 4.37 -1.04 13.85
CA LYS A 57 4.94 -1.74 15.00
C LYS A 57 3.90 -2.04 16.10
N LYS A 58 2.97 -1.12 16.33
CA LYS A 58 2.00 -1.30 17.42
C LYS A 58 0.61 -1.73 16.97
N ILE A 59 0.23 -1.39 15.75
CA ILE A 59 -1.14 -1.61 15.30
C ILE A 59 -1.28 -2.87 14.47
N ARG A 60 -2.10 -3.80 14.93
CA ARG A 60 -2.38 -5.04 14.22
C ARG A 60 -3.80 -4.94 13.64
N LEU A 61 -3.95 -5.30 12.37
CA LEU A 61 -5.24 -5.32 11.72
C LEU A 61 -5.77 -6.75 11.65
N LYS A 62 -7.09 -6.91 11.60
CA LYS A 62 -7.71 -8.23 11.43
C LYS A 62 -7.55 -8.77 10.00
N VAL A 63 -7.58 -7.85 9.03
CA VAL A 63 -7.26 -8.24 7.66
CA VAL A 63 -7.37 -8.15 7.61
C VAL A 63 -6.20 -7.27 7.14
N PRO A 64 -5.21 -7.84 6.42
CA PRO A 64 -3.98 -7.09 6.14
C PRO A 64 -4.08 -6.17 4.94
N LEU A 65 -5.12 -5.35 4.91
CA LEU A 65 -5.40 -4.51 3.75
C LEU A 65 -5.69 -3.08 4.16
N VAL A 66 -5.10 -2.14 3.43
N VAL A 66 -5.11 -2.15 3.41
CA VAL A 66 -5.41 -0.72 3.65
CA VAL A 66 -5.33 -0.72 3.59
C VAL A 66 -5.70 -0.04 2.32
C VAL A 66 -5.80 -0.13 2.27
N SER A 67 -6.62 0.92 2.32
CA SER A 67 -6.99 1.61 1.08
C SER A 67 -6.10 2.83 0.82
N SER A 68 -5.77 3.04 -0.46
CA SER A 68 -4.89 4.10 -0.91
C SER A 68 -5.36 5.50 -0.54
N ALA A 69 -4.39 6.37 -0.25
CA ALA A 69 -4.69 7.77 0.01
C ALA A 69 -4.85 8.53 -1.30
N MET A 70 -5.96 8.27 -1.99
CA MET A 70 -6.23 8.87 -3.29
C MET A 70 -7.65 9.42 -3.26
N ASP A 71 -7.91 10.48 -4.01
CA ASP A 71 -9.22 11.12 -3.91
C ASP A 71 -10.30 10.43 -4.76
N THR A 72 -9.96 9.33 -5.44
CA THR A 72 -10.99 8.47 -6.03
C THR A 72 -11.03 7.12 -5.32
N VAL A 73 -10.39 7.04 -4.15
CA VAL A 73 -10.42 5.83 -3.36
C VAL A 73 -10.90 6.05 -1.92
N THR A 74 -10.23 6.91 -1.15
CA THR A 74 -10.49 6.98 0.29
C THR A 74 -10.86 8.34 0.88
N GLU A 75 -12.15 8.49 1.16
CA GLU A 75 -12.62 9.55 2.05
C GLU A 75 -13.33 8.88 3.23
N ALA A 76 -14.16 9.60 3.97
CA ALA A 76 -14.65 9.06 5.23
C ALA A 76 -15.46 7.77 5.06
N ARG A 77 -16.26 7.70 4.01
CA ARG A 77 -17.12 6.52 3.81
C ARG A 77 -16.30 5.26 3.59
N MET A 78 -15.26 5.37 2.77
CA MET A 78 -14.35 4.24 2.55
C MET A 78 -13.58 3.89 3.81
N ALA A 79 -13.08 4.90 4.52
CA ALA A 79 -12.32 4.64 5.74
C ALA A 79 -13.18 3.90 6.78
N ILE A 80 -14.43 4.29 6.92
CA ILE A 80 -15.31 3.62 7.86
C ILE A 80 -15.54 2.16 7.43
N ALA A 81 -15.81 1.97 6.14
CA ALA A 81 -16.10 0.62 5.65
C ALA A 81 -14.87 -0.29 5.77
N MET A 82 -13.68 0.25 5.48
CA MET A 82 -12.44 -0.53 5.60
C MET A 82 -12.19 -0.96 7.05
N ALA A 83 -12.37 -0.05 7.99
CA ALA A 83 -12.18 -0.38 9.39
C ALA A 83 -13.19 -1.44 9.86
N ARG A 84 -14.44 -1.32 9.42
CA ARG A 84 -15.45 -2.31 9.77
C ARG A 84 -15.13 -3.68 9.19
N ALA A 85 -14.51 -3.70 8.02
CA ALA A 85 -14.07 -4.95 7.38
C ALA A 85 -12.80 -5.54 8.02
N GLY A 86 -12.19 -4.80 8.94
CA GLY A 86 -11.03 -5.29 9.65
C GLY A 86 -9.71 -4.76 9.15
N GLY A 87 -9.76 -3.85 8.17
CA GLY A 87 -8.58 -3.19 7.65
C GLY A 87 -8.52 -1.74 8.09
N MET A 88 -8.01 -0.87 7.23
CA MET A 88 -7.99 0.55 7.57
C MET A 88 -7.98 1.39 6.30
N GLY A 89 -8.52 2.60 6.37
CA GLY A 89 -8.40 3.55 5.29
C GLY A 89 -7.33 4.59 5.59
N VAL A 90 -6.67 5.07 4.54
CA VAL A 90 -5.80 6.25 4.67
C VAL A 90 -6.42 7.40 3.90
N LEU A 91 -6.92 8.39 4.63
CA LEU A 91 -7.58 9.55 4.01
C LEU A 91 -6.63 10.37 3.14
N HIS A 92 -7.05 10.70 1.92
CA HIS A 92 -6.21 11.47 1.02
C HIS A 92 -6.04 12.90 1.53
N ARG A 93 -5.02 13.59 1.02
CA ARG A 93 -4.72 14.95 1.46
C ARG A 93 -4.90 16.01 0.37
N ASN A 94 -5.66 15.68 -0.69
CA ASN A 94 -5.91 16.62 -1.77
C ASN A 94 -7.14 17.48 -1.48
N LEU A 95 -7.10 18.16 -0.34
CA LEU A 95 -8.22 18.96 0.15
C LEU A 95 -7.71 19.81 1.31
N PRO A 96 -8.48 20.83 1.71
CA PRO A 96 -8.01 21.69 2.81
C PRO A 96 -7.82 20.93 4.13
N VAL A 97 -6.90 21.42 4.96
CA VAL A 97 -6.61 20.82 6.25
C VAL A 97 -7.87 20.61 7.09
N ALA A 98 -8.72 21.64 7.18
CA ALA A 98 -9.91 21.55 8.01
C ALA A 98 -10.85 20.44 7.54
N GLU A 99 -10.90 20.23 6.23
CA GLU A 99 -11.80 19.24 5.67
C GLU A 99 -11.27 17.82 5.89
N GLN A 100 -9.95 17.65 5.82
CA GLN A 100 -9.36 16.33 6.06
C GLN A 100 -9.57 15.93 7.51
N ALA A 101 -9.31 16.87 8.42
CA ALA A 101 -9.48 16.65 9.86
C ALA A 101 -10.93 16.38 10.21
N ALA A 102 -11.85 17.04 9.50
CA ALA A 102 -13.28 16.76 9.68
C ALA A 102 -13.64 15.36 9.23
N GLN A 103 -12.94 14.83 8.24
CA GLN A 103 -13.21 13.46 7.82
C GLN A 103 -12.70 12.48 8.88
N VAL A 104 -11.60 12.82 9.55
CA VAL A 104 -11.06 12.01 10.64
C VAL A 104 -12.08 11.92 11.77
N GLU A 105 -12.65 13.08 12.13
CA GLU A 105 -13.66 13.15 13.17
C GLU A 105 -14.90 12.34 12.80
N THR A 106 -15.31 12.42 11.55
CA THR A 106 -16.43 11.64 11.05
C THR A 106 -16.20 10.13 11.22
N VAL A 107 -14.99 9.66 10.93
CA VAL A 107 -14.68 8.25 11.09
C VAL A 107 -14.73 7.84 12.56
N LYS A 108 -14.26 8.74 13.43
CA LYS A 108 -14.24 8.45 14.87
C LYS A 108 -15.62 8.48 15.48
N ARG A 109 -16.54 9.22 14.86
CA ARG A 109 -17.92 9.29 15.32
C ARG A 109 -18.67 7.97 15.13
N SER A 110 -18.10 7.09 14.30
CA SER A 110 -18.76 5.84 13.94
C SER A 110 -18.26 4.66 14.77
N GLY A 111 -17.81 4.95 15.98
CA GLY A 111 -17.30 3.91 16.87
C GLY A 111 -15.80 3.96 17.01
N GLY A 112 -15.23 2.95 17.68
CA GLY A 112 -13.80 2.87 17.87
C GLY A 112 -13.10 2.31 16.63
N LEU A 113 -13.15 3.08 15.54
CA LEU A 113 -12.56 2.63 14.29
C LEU A 113 -11.20 3.25 14.06
N LEU A 114 -10.23 2.42 13.68
CA LEU A 114 -8.91 2.90 13.26
C LEU A 114 -9.03 3.75 12.00
N VAL A 115 -8.21 4.80 11.92
CA VAL A 115 -8.13 5.59 10.70
C VAL A 115 -6.73 6.20 10.54
N GLY A 116 -6.27 6.29 9.30
CA GLY A 116 -5.04 6.99 9.00
C GLY A 116 -5.28 8.16 8.07
N ALA A 117 -4.26 9.00 7.91
CA ALA A 117 -4.39 10.13 7.03
C ALA A 117 -3.02 10.51 6.47
N ALA A 118 -3.01 10.93 5.21
CA ALA A 118 -1.78 11.29 4.52
C ALA A 118 -1.36 12.74 4.81
N VAL A 119 -0.06 12.96 4.94
CA VAL A 119 0.51 14.31 4.96
C VAL A 119 1.70 14.35 4.01
N GLY A 120 2.01 15.53 3.47
CA GLY A 120 3.18 15.70 2.63
C GLY A 120 4.38 16.19 3.41
N VAL A 121 5.30 16.87 2.74
CA VAL A 121 6.45 17.46 3.43
C VAL A 121 6.61 18.94 3.06
N GLY A 122 5.57 19.51 2.45
CA GLY A 122 5.53 20.93 2.16
C GLY A 122 5.43 21.76 3.43
N ASP A 123 5.32 23.08 3.30
CA ASP A 123 5.31 23.92 4.49
C ASP A 123 3.97 23.92 5.21
N ASP A 124 2.94 23.40 4.57
CA ASP A 124 1.63 23.26 5.21
C ASP A 124 1.47 21.89 5.87
N ALA A 125 2.46 21.03 5.68
CA ALA A 125 2.39 19.64 6.13
C ALA A 125 2.39 19.52 7.64
N TRP A 126 3.23 20.30 8.33
CA TRP A 126 3.29 20.20 9.78
C TRP A 126 1.97 20.63 10.41
N GLU A 127 1.39 21.72 9.92
CA GLU A 127 0.10 22.17 10.42
C GLU A 127 -1.00 21.15 10.12
N ARG A 128 -0.95 20.54 8.94
CA ARG A 128 -1.89 19.48 8.60
C ARG A 128 -1.78 18.33 9.60
N ALA A 129 -0.55 17.90 9.88
CA ALA A 129 -0.32 16.79 10.81
C ALA A 129 -0.87 17.06 12.21
N MET A 130 -0.67 18.28 12.69
N MET A 130 -0.68 18.29 12.70
CA MET A 130 -1.14 18.66 14.02
CA MET A 130 -1.13 18.61 14.04
C MET A 130 -2.66 18.67 14.11
C MET A 130 -2.66 18.66 14.11
N ALA A 131 -3.29 19.17 13.06
CA ALA A 131 -4.75 19.21 13.00
C ALA A 131 -5.36 17.81 12.95
N LEU A 132 -4.68 16.91 12.24
CA LEU A 132 -5.10 15.51 12.20
C LEU A 132 -4.92 14.86 13.56
N ARG A 133 -3.83 15.21 14.23
CA ARG A 133 -3.58 14.72 15.59
C ARG A 133 -4.70 15.16 16.53
N ASP A 134 -5.05 16.44 16.45
CA ASP A 134 -6.12 16.99 17.28
C ASP A 134 -7.44 16.29 17.01
N ALA A 135 -7.65 15.85 15.77
CA ALA A 135 -8.89 15.18 15.38
C ALA A 135 -8.94 13.72 15.82
N GLY A 136 -7.83 13.19 16.30
CA GLY A 136 -7.79 11.84 16.84
C GLY A 136 -7.32 10.76 15.88
N VAL A 137 -6.53 11.13 14.88
CA VAL A 137 -6.06 10.14 13.91
C VAL A 137 -5.15 9.12 14.60
N ASP A 138 -5.11 7.89 14.11
CA ASP A 138 -4.29 6.84 14.72
C ASP A 138 -2.96 6.67 14.01
N VAL A 139 -2.95 6.95 12.71
CA VAL A 139 -1.79 6.73 11.86
C VAL A 139 -1.57 7.93 10.96
N LEU A 140 -0.36 8.47 10.97
CA LEU A 140 0.01 9.50 10.00
C LEU A 140 0.89 8.88 8.94
N VAL A 141 0.53 9.09 7.68
CA VAL A 141 1.33 8.55 6.60
C VAL A 141 2.04 9.69 5.88
N VAL A 142 3.37 9.74 6.05
CA VAL A 142 4.17 10.68 5.28
C VAL A 142 4.23 10.15 3.86
N ASP A 143 3.51 10.84 2.98
CA ASP A 143 3.01 10.35 1.71
C ASP A 143 3.76 11.00 0.54
N THR A 144 4.83 10.36 0.09
CA THR A 144 5.64 10.88 -1.03
C THR A 144 5.92 9.82 -2.08
N ALA A 145 6.34 10.27 -3.26
CA ALA A 145 6.73 9.33 -4.30
C ALA A 145 8.17 8.85 -4.15
N HIS A 146 8.96 9.51 -3.31
CA HIS A 146 10.36 9.14 -3.14
C HIS A 146 10.85 9.55 -1.76
N ALA A 147 10.84 8.60 -0.83
CA ALA A 147 11.11 8.92 0.59
C ALA A 147 12.61 9.06 0.90
N HIS A 148 13.49 8.64 0.00
CA HIS A 148 14.92 8.72 0.30
C HIS A 148 15.43 10.13 0.04
N ASN A 149 15.10 11.02 0.97
CA ASN A 149 15.26 12.44 0.78
C ASN A 149 15.28 13.05 2.17
N ARG A 150 16.21 13.97 2.43
CA ARG A 150 16.38 14.52 3.78
C ARG A 150 15.11 15.15 4.34
N LYS A 151 14.36 15.84 3.48
CA LYS A 151 13.14 16.51 3.94
C LYS A 151 12.08 15.50 4.38
N VAL A 152 12.00 14.38 3.69
CA VAL A 152 11.05 13.36 4.08
C VAL A 152 11.48 12.65 5.37
N LEU A 153 12.76 12.33 5.46
CA LEU A 153 13.28 11.64 6.63
C LEU A 153 13.15 12.53 7.87
N ASP A 154 13.41 13.82 7.69
CA ASP A 154 13.25 14.78 8.79
C ASP A 154 11.82 14.89 9.27
N MET A 155 10.88 14.83 8.33
CA MET A 155 9.46 14.91 8.69
C MET A 155 9.02 13.69 9.49
N VAL A 156 9.46 12.51 9.03
CA VAL A 156 9.18 11.28 9.76
C VAL A 156 9.72 11.37 11.18
N HIS A 157 10.97 11.76 11.31
CA HIS A 157 11.64 11.85 12.61
C HIS A 157 10.97 12.90 13.52
N ARG A 158 10.69 14.08 12.98
CA ARG A 158 10.06 15.14 13.77
C ARG A 158 8.71 14.69 14.30
N LEU A 159 7.92 14.05 13.44
CA LEU A 159 6.63 13.49 13.86
C LEU A 159 6.79 12.44 14.94
N LYS A 160 7.70 11.48 14.73
CA LYS A 160 7.89 10.42 15.71
C LYS A 160 8.30 10.97 17.08
N THR A 161 9.15 11.99 17.08
CA THR A 161 9.62 12.51 18.36
C THR A 161 8.58 13.40 19.04
N THR A 162 7.66 13.95 18.27
CA THR A 162 6.66 14.89 18.80
C THR A 162 5.34 14.22 19.20
N VAL A 163 4.82 13.35 18.33
CA VAL A 163 3.51 12.74 18.59
C VAL A 163 3.59 11.21 18.61
N GLY A 164 4.80 10.67 18.61
CA GLY A 164 5.03 9.24 18.47
C GLY A 164 4.45 8.34 19.53
N ASP A 165 4.22 8.86 20.72
CA ASP A 165 3.63 8.05 21.79
C ASP A 165 2.18 7.70 21.51
N GLU A 166 1.48 8.59 20.82
CA GLU A 166 0.05 8.45 20.60
C GLU A 166 -0.31 8.07 19.15
N ILE A 167 0.59 8.34 18.22
CA ILE A 167 0.32 8.14 16.81
C ILE A 167 1.44 7.33 16.16
N GLU A 168 1.06 6.37 15.30
CA GLU A 168 2.06 5.63 14.54
C GLU A 168 2.38 6.38 13.25
N VAL A 169 3.65 6.40 12.88
CA VAL A 169 4.11 7.17 11.72
C VAL A 169 4.65 6.27 10.62
N VAL A 170 3.95 6.27 9.49
CA VAL A 170 4.35 5.52 8.30
C VAL A 170 5.14 6.43 7.36
N GLY A 171 6.24 5.92 6.79
CA GLY A 171 6.99 6.65 5.78
C GLY A 171 7.03 5.90 4.45
N GLY A 172 7.02 6.63 3.34
CA GLY A 172 7.10 6.01 2.01
C GLY A 172 7.07 7.09 0.95
N ASN A 173 7.24 6.72 -0.31
CA ASN A 173 7.46 5.34 -0.73
C ASN A 173 8.92 5.06 -1.06
N VAL A 174 9.31 3.80 -0.92
CA VAL A 174 10.66 3.39 -1.26
C VAL A 174 10.62 2.20 -2.20
N ALA A 175 11.75 1.91 -2.83
CA ALA A 175 11.86 0.77 -3.72
C ALA A 175 13.22 0.09 -3.61
N THR A 176 14.07 0.59 -2.70
CA THR A 176 15.40 0.02 -2.51
C THR A 176 15.64 -0.29 -1.05
N ARG A 177 16.60 -1.18 -0.81
CA ARG A 177 17.00 -1.54 0.55
C ARG A 177 17.57 -0.34 1.30
N ALA A 178 18.41 0.44 0.63
CA ALA A 178 19.03 1.62 1.27
C ALA A 178 18.00 2.64 1.72
N ALA A 179 16.97 2.84 0.89
CA ALA A 179 15.91 3.80 1.21
C ALA A 179 15.08 3.32 2.39
N ALA A 180 14.74 2.04 2.40
CA ALA A 180 14.00 1.47 3.52
C ALA A 180 14.81 1.59 4.80
N ALA A 181 16.11 1.31 4.71
CA ALA A 181 16.99 1.43 5.87
C ALA A 181 17.02 2.85 6.44
N ALA A 182 17.03 3.84 5.55
CA ALA A 182 17.03 5.24 5.97
C ALA A 182 15.75 5.60 6.71
N LEU A 183 14.60 5.11 6.22
CA LEU A 183 13.35 5.36 6.92
C LEU A 183 13.34 4.68 8.30
N VAL A 184 13.90 3.48 8.39
CA VAL A 184 13.97 2.78 9.68
C VAL A 184 14.76 3.62 10.68
N GLU A 185 15.91 4.12 10.23
CA GLU A 185 16.78 4.91 11.07
C GLU A 185 16.08 6.20 11.53
N ALA A 186 15.25 6.78 10.66
CA ALA A 186 14.54 8.01 10.97
C ALA A 186 13.41 7.79 11.98
N GLY A 187 13.05 6.53 12.23
CA GLY A 187 12.07 6.20 13.24
C GLY A 187 10.72 5.76 12.73
N ALA A 188 10.62 5.41 11.46
CA ALA A 188 9.33 4.98 10.91
C ALA A 188 8.80 3.74 11.61
N ASP A 189 7.48 3.71 11.82
CA ASP A 189 6.80 2.57 12.42
C ASP A 189 6.33 1.56 11.38
N ALA A 190 6.38 1.96 10.11
CA ALA A 190 6.16 1.07 8.96
C ALA A 190 6.76 1.73 7.74
N VAL A 191 7.14 0.92 6.76
CA VAL A 191 7.75 1.45 5.55
C VAL A 191 6.90 1.03 4.36
N LYS A 192 6.51 2.00 3.52
CA LYS A 192 5.65 1.69 2.40
C LYS A 192 6.45 1.60 1.10
N VAL A 193 6.21 0.53 0.34
CA VAL A 193 7.04 0.17 -0.80
C VAL A 193 6.24 0.26 -2.09
N GLY A 194 6.78 0.99 -3.06
CA GLY A 194 6.20 1.07 -4.38
C GLY A 194 6.62 2.36 -5.05
N VAL A 195 7.60 2.25 -5.96
CA VAL A 195 7.94 3.39 -6.82
C VAL A 195 7.79 2.91 -8.26
N GLY A 196 6.73 3.41 -8.91
CA GLY A 196 6.41 3.00 -10.26
C GLY A 196 5.39 1.90 -10.57
N PRO A 197 4.92 1.12 -9.57
CA PRO A 197 4.13 -0.05 -10.00
C PRO A 197 2.62 0.18 -10.15
N GLY A 198 2.11 1.35 -9.77
CA GLY A 198 0.66 1.57 -9.72
C GLY A 198 -0.02 1.40 -11.06
N SER A 199 -1.27 0.94 -11.05
CA SER A 199 -2.01 0.67 -12.27
C SER A 199 -2.23 1.92 -13.12
N ILE A 200 -2.30 3.08 -12.49
CA ILE A 200 -2.53 4.34 -13.21
CA ILE A 200 -2.53 4.34 -13.21
C ILE A 200 -1.23 5.14 -13.35
N CYS A 201 -0.11 4.51 -13.05
CA CYS A 201 1.19 5.17 -13.05
C CYS A 201 1.82 5.31 -14.43
N THR A 202 2.42 6.47 -14.69
CA THR A 202 3.18 6.66 -15.90
C THR A 202 4.62 7.07 -15.59
N THR A 203 5.02 6.90 -14.33
CA THR A 203 6.39 7.22 -13.93
C THR A 203 7.41 6.46 -14.75
N ARG A 204 7.11 5.19 -15.03
CA ARG A 204 8.01 4.39 -15.84
C ARG A 204 8.21 4.96 -17.24
N VAL A 205 7.17 5.48 -17.87
N VAL A 205 7.12 5.47 -17.80
CA VAL A 205 7.38 5.99 -19.22
CA VAL A 205 7.10 6.01 -19.16
C VAL A 205 7.74 7.48 -19.24
C VAL A 205 7.71 7.42 -19.20
N VAL A 206 7.32 8.24 -18.23
CA VAL A 206 7.65 9.66 -18.21
C VAL A 206 9.07 9.92 -17.72
N ALA A 207 9.45 9.24 -16.66
CA ALA A 207 10.77 9.45 -16.05
C ALA A 207 11.72 8.30 -16.33
N GLY A 208 11.19 7.16 -16.75
CA GLY A 208 12.03 5.97 -16.95
C GLY A 208 12.47 5.32 -15.66
N VAL A 209 11.74 5.63 -14.58
CA VAL A 209 12.11 5.20 -13.23
C VAL A 209 11.12 4.16 -12.72
N GLY A 210 11.61 3.14 -12.04
CA GLY A 210 10.72 2.21 -11.39
C GLY A 210 11.46 1.04 -10.80
N ALA A 211 10.71 0.19 -10.13
CA ALA A 211 11.26 -1.01 -9.52
C ALA A 211 10.18 -2.06 -9.42
N PRO A 212 10.35 -3.17 -10.15
CA PRO A 212 9.37 -4.27 -10.09
C PRO A 212 9.09 -4.68 -8.64
N GLN A 213 7.83 -4.90 -8.31
CA GLN A 213 7.39 -4.88 -6.91
C GLN A 213 7.79 -6.10 -6.07
N ILE A 214 7.93 -7.28 -6.67
CA ILE A 214 8.35 -8.43 -5.82
C ILE A 214 9.78 -8.17 -5.34
N THR A 215 10.65 -7.76 -6.27
CA THR A 215 12.04 -7.48 -5.91
C THR A 215 12.13 -6.29 -4.93
N ALA A 216 11.30 -5.27 -5.13
CA ALA A 216 11.30 -4.11 -4.23
C ALA A 216 10.92 -4.51 -2.81
N ILE A 217 9.92 -5.38 -2.69
CA ILE A 217 9.46 -5.86 -1.39
C ILE A 217 10.56 -6.68 -0.74
N LEU A 218 11.16 -7.60 -1.51
CA LEU A 218 12.22 -8.46 -0.97
C LEU A 218 13.37 -7.59 -0.43
N GLU A 219 13.73 -6.54 -1.17
CA GLU A 219 14.82 -5.66 -0.76
C GLU A 219 14.45 -4.81 0.45
N ALA A 220 13.24 -4.27 0.46
CA ALA A 220 12.80 -3.45 1.59
C ALA A 220 12.71 -4.27 2.86
N VAL A 221 12.20 -5.50 2.71
CA VAL A 221 12.02 -6.38 3.86
C VAL A 221 13.38 -6.76 4.44
N ALA A 222 14.39 -6.91 3.60
CA ALA A 222 15.75 -7.22 4.08
C ALA A 222 16.29 -6.12 5.01
N ALA A 223 15.83 -4.89 4.83
CA ALA A 223 16.22 -3.77 5.69
C ALA A 223 15.30 -3.58 6.89
N CYS A 224 14.03 -3.93 6.74
CA CYS A 224 13.02 -3.59 7.74
C CYS A 224 12.77 -4.71 8.74
N ALA A 225 12.70 -5.95 8.26
CA ALA A 225 12.39 -7.08 9.14
C ALA A 225 13.40 -7.23 10.30
N PRO A 226 14.71 -7.04 10.02
CA PRO A 226 15.61 -7.20 11.18
C PRO A 226 15.42 -6.14 12.27
N HIS A 227 14.69 -5.07 11.98
CA HIS A 227 14.41 -4.03 12.97
C HIS A 227 12.96 -4.08 13.46
N GLY A 228 12.22 -5.12 13.07
CA GLY A 228 10.86 -5.31 13.53
C GLY A 228 9.90 -4.28 12.96
N VAL A 229 10.26 -3.72 11.80
CA VAL A 229 9.43 -2.72 11.13
C VAL A 229 8.66 -3.35 9.97
N PRO A 230 7.33 -3.28 10.02
CA PRO A 230 6.51 -3.87 8.95
C PRO A 230 6.56 -3.10 7.63
N VAL A 231 6.42 -3.84 6.54
CA VAL A 231 6.41 -3.31 5.19
C VAL A 231 5.01 -3.36 4.62
N ILE A 232 4.55 -2.22 4.07
CA ILE A 232 3.27 -2.13 3.38
C ILE A 232 3.55 -2.15 1.89
N ALA A 233 3.03 -3.16 1.18
CA ALA A 233 3.20 -3.23 -0.27
C ALA A 233 2.16 -2.38 -0.98
N ASP A 234 2.61 -1.34 -1.66
CA ASP A 234 1.72 -0.33 -2.22
C ASP A 234 1.82 -0.21 -3.76
N GLY A 235 0.80 -0.71 -4.46
CA GLY A 235 0.77 -0.54 -5.90
C GLY A 235 1.05 -1.79 -6.72
N GLY A 236 0.34 -1.93 -7.82
CA GLY A 236 0.60 -3.01 -8.76
C GLY A 236 -0.19 -4.27 -8.49
N LEU A 237 -1.03 -4.25 -7.46
CA LEU A 237 -1.82 -5.43 -7.12
C LEU A 237 -3.09 -5.46 -7.95
N GLN A 238 -3.22 -6.47 -8.80
CA GLN A 238 -4.35 -6.57 -9.75
C GLN A 238 -5.36 -7.65 -9.39
N TYR A 239 -4.92 -8.66 -8.65
CA TYR A 239 -5.74 -9.83 -8.35
C TYR A 239 -5.57 -10.16 -6.88
N SER A 240 -6.51 -10.90 -6.30
CA SER A 240 -6.37 -11.31 -4.91
C SER A 240 -5.10 -12.13 -4.74
N GLY A 241 -4.70 -12.88 -5.76
CA GLY A 241 -3.50 -13.68 -5.64
C GLY A 241 -2.23 -12.84 -5.49
N ASP A 242 -2.26 -11.60 -5.97
CA ASP A 242 -1.12 -10.70 -5.79
C ASP A 242 -0.94 -10.30 -4.32
N ILE A 243 -2.04 -10.20 -3.60
CA ILE A 243 -1.96 -9.92 -2.16
C ILE A 243 -1.19 -11.04 -1.48
N ALA A 244 -1.52 -12.30 -1.78
CA ALA A 244 -0.78 -13.41 -1.21
C ALA A 244 0.70 -13.35 -1.58
N LYS A 245 0.99 -13.04 -2.85
CA LYS A 245 2.39 -12.95 -3.27
C LYS A 245 3.15 -11.83 -2.55
N ALA A 246 2.50 -10.68 -2.36
CA ALA A 246 3.14 -9.55 -1.68
C ALA A 246 3.50 -9.90 -0.25
N LEU A 247 2.58 -10.56 0.44
CA LEU A 247 2.83 -10.95 1.82
C LEU A 247 3.89 -12.04 1.90
N ALA A 248 3.86 -13.00 0.98
CA ALA A 248 4.87 -14.05 0.98
C ALA A 248 6.27 -13.49 0.68
N ALA A 249 6.35 -12.43 -0.12
CA ALA A 249 7.64 -11.75 -0.35
C ALA A 249 8.14 -11.05 0.92
N GLY A 250 7.25 -10.92 1.91
CA GLY A 250 7.66 -10.42 3.21
C GLY A 250 6.91 -9.20 3.69
N ALA A 251 6.06 -8.62 2.85
CA ALA A 251 5.22 -7.51 3.31
C ALA A 251 4.28 -7.97 4.42
N SER A 252 3.84 -7.03 5.25
CA SER A 252 2.89 -7.32 6.32
C SER A 252 1.46 -6.90 5.98
N THR A 253 1.32 -5.89 5.14
CA THR A 253 0.01 -5.49 4.63
C THR A 253 0.14 -5.07 3.19
N ALA A 254 -1.00 -4.96 2.49
CA ALA A 254 -1.03 -4.43 1.14
C ALA A 254 -1.93 -3.22 1.08
N MET A 255 -1.50 -2.20 0.35
CA MET A 255 -2.33 -1.01 0.12
C MET A 255 -2.92 -1.08 -1.28
N LEU A 256 -4.24 -0.89 -1.36
CA LEU A 256 -4.97 -1.11 -2.61
C LEU A 256 -5.62 0.15 -3.12
N GLY A 257 -5.39 0.45 -4.40
CA GLY A 257 -6.04 1.55 -5.08
C GLY A 257 -7.06 1.06 -6.10
N SER A 258 -6.59 0.60 -7.24
CA SER A 258 -7.45 0.12 -8.32
CA SER A 258 -7.49 0.16 -8.31
C SER A 258 -8.48 -0.92 -7.89
N LEU A 259 -8.07 -1.83 -7.00
CA LEU A 259 -8.97 -2.93 -6.61
C LEU A 259 -10.15 -2.45 -5.76
N LEU A 260 -10.03 -1.26 -5.17
CA LEU A 260 -11.09 -0.70 -4.34
C LEU A 260 -11.78 0.51 -4.97
N ALA A 261 -11.18 1.06 -6.03
CA ALA A 261 -11.71 2.28 -6.65
C ALA A 261 -13.08 2.09 -7.31
N GLY A 262 -13.43 0.86 -7.61
CA GLY A 262 -14.72 0.61 -8.25
C GLY A 262 -15.85 0.33 -7.28
N THR A 263 -15.59 0.45 -5.98
CA THR A 263 -16.59 0.10 -5.00
C THR A 263 -17.57 1.24 -4.70
N ALA A 264 -18.72 0.87 -4.16
CA ALA A 264 -19.77 1.83 -3.81
C ALA A 264 -19.26 2.91 -2.84
N GLU A 265 -18.35 2.51 -1.95
CA GLU A 265 -17.87 3.39 -0.90
C GLU A 265 -16.79 4.36 -1.33
N SER A 266 -16.21 4.16 -2.51
CA SER A 266 -15.21 5.10 -3.01
C SER A 266 -15.89 6.39 -3.44
N PRO A 267 -15.16 7.51 -3.43
CA PRO A 267 -15.70 8.76 -3.95
C PRO A 267 -16.04 8.66 -5.43
N GLY A 268 -16.92 9.53 -5.90
CA GLY A 268 -17.23 9.57 -7.32
C GLY A 268 -18.54 8.90 -7.68
N GLU A 269 -19.06 9.27 -8.85
CA GLU A 269 -20.35 8.74 -9.29
C GLU A 269 -20.16 7.61 -10.29
N LEU A 270 -21.25 6.89 -10.50
CA LEU A 270 -21.31 5.81 -11.46
C LEU A 270 -21.23 6.35 -12.89
N ILE A 271 -20.46 5.68 -13.73
CA ILE A 271 -20.35 6.06 -15.14
C ILE A 271 -20.79 4.90 -16.04
N LEU A 272 -21.64 5.21 -17.01
CA LEU A 272 -22.12 4.21 -17.95
C LEU A 272 -21.48 4.41 -19.31
N VAL A 273 -20.68 3.45 -19.76
CA VAL A 273 -20.17 3.48 -21.13
C VAL A 273 -20.32 2.11 -21.79
N ASN A 274 -20.83 2.11 -23.03
CA ASN A 274 -21.09 0.89 -23.78
C ASN A 274 -21.93 -0.13 -23.02
N GLY A 275 -22.92 0.37 -22.27
CA GLY A 275 -23.82 -0.48 -21.53
C GLY A 275 -23.25 -1.06 -20.24
N LYS A 276 -22.01 -0.70 -19.90
CA LYS A 276 -21.38 -1.23 -18.69
C LYS A 276 -21.08 -0.13 -17.68
N GLN A 277 -21.06 -0.51 -16.40
CA GLN A 277 -20.87 0.45 -15.32
C GLN A 277 -19.42 0.57 -14.88
N PHE A 278 -18.96 1.81 -14.71
CA PHE A 278 -17.60 2.10 -14.27
C PHE A 278 -17.58 3.21 -13.23
N LYS A 279 -16.45 3.37 -12.56
CA LYS A 279 -16.18 4.57 -11.78
C LYS A 279 -14.86 5.16 -12.24
N SER A 280 -14.72 6.46 -12.10
CA SER A 280 -13.45 7.12 -12.40
C SER A 280 -12.38 6.74 -11.39
N TYR A 281 -11.17 6.52 -11.89
CA TYR A 281 -10.02 6.23 -11.05
C TYR A 281 -8.85 6.99 -11.63
N ARG A 282 -8.23 7.84 -10.83
CA ARG A 282 -7.18 8.69 -11.37
C ARG A 282 -5.99 8.75 -10.45
N GLY A 283 -4.81 8.87 -11.03
CA GLY A 283 -3.60 9.06 -10.25
C GLY A 283 -3.61 10.39 -9.53
N MET A 284 -2.96 10.43 -8.38
CA MET A 284 -2.77 11.69 -7.68
C MET A 284 -1.74 12.54 -8.43
N GLY A 285 -1.07 11.93 -9.41
CA GLY A 285 -0.13 12.63 -10.27
C GLY A 285 -0.69 12.96 -11.64
N SER A 286 -1.98 12.70 -11.83
CA SER A 286 -2.63 13.03 -13.10
C SER A 286 -2.89 14.53 -13.19
N LEU A 287 -3.06 15.02 -14.42
CA LEU A 287 -3.31 16.44 -14.64
C LEU A 287 -4.54 16.91 -13.89
N GLY A 288 -5.58 16.07 -13.86
CA GLY A 288 -6.81 16.38 -13.18
C GLY A 288 -6.67 16.54 -11.68
N ALA A 289 -5.91 15.64 -11.05
CA ALA A 289 -5.73 15.67 -9.61
C ALA A 289 -4.86 16.84 -9.17
N MET A 290 -3.92 17.25 -10.03
CA MET A 290 -3.03 18.35 -9.72
C MET A 290 -3.70 19.69 -10.02
N GLN A 291 -4.75 19.66 -10.83
CA GLN A 291 -5.50 20.86 -11.18
C GLN A 291 -6.65 21.09 -10.20
N VAL A 316 4.30 18.22 -14.74
CA VAL A 316 4.55 17.05 -15.59
C VAL A 316 3.91 15.82 -14.96
N PRO A 317 2.78 15.39 -15.52
CA PRO A 317 1.96 14.31 -14.94
C PRO A 317 2.69 12.98 -14.91
N GLU A 318 2.48 12.23 -13.82
CA GLU A 318 3.04 10.89 -13.68
C GLU A 318 1.93 9.88 -13.38
N GLY A 319 0.70 10.24 -13.76
CA GLY A 319 -0.43 9.34 -13.61
C GLY A 319 -1.47 9.65 -14.67
N ILE A 320 -2.37 8.71 -14.91
CA ILE A 320 -3.46 8.93 -15.86
C ILE A 320 -4.79 9.01 -15.14
N GLU A 321 -5.78 9.52 -15.86
CA GLU A 321 -7.17 9.52 -15.42
C GLU A 321 -7.85 8.38 -16.17
N GLY A 322 -8.41 7.41 -15.44
CA GLY A 322 -8.98 6.24 -16.08
C GLY A 322 -10.31 5.79 -15.51
N ARG A 323 -10.68 4.57 -15.83
CA ARG A 323 -11.91 3.95 -15.34
C ARG A 323 -11.64 2.57 -14.79
N VAL A 324 -12.42 2.17 -13.79
CA VAL A 324 -12.41 0.78 -13.34
C VAL A 324 -13.85 0.31 -13.34
N PRO A 325 -14.05 -1.00 -13.55
CA PRO A 325 -15.41 -1.54 -13.47
C PRO A 325 -16.00 -1.32 -12.09
N PHE A 326 -17.29 -1.03 -12.06
CA PHE A 326 -18.02 -0.96 -10.81
C PHE A 326 -18.12 -2.34 -10.19
N ARG A 327 -17.84 -2.44 -8.90
CA ARG A 327 -17.72 -3.72 -8.22
C ARG A 327 -18.74 -3.97 -7.13
N GLY A 328 -19.56 -2.98 -6.81
CA GLY A 328 -20.52 -3.15 -5.74
C GLY A 328 -19.93 -2.77 -4.40
N PRO A 329 -20.52 -3.27 -3.31
CA PRO A 329 -20.14 -2.89 -1.95
C PRO A 329 -18.69 -3.30 -1.63
N LEU A 330 -18.01 -2.48 -0.85
CA LEU A 330 -16.65 -2.77 -0.40
C LEU A 330 -16.59 -4.11 0.35
N SER A 331 -17.55 -4.34 1.23
CA SER A 331 -17.52 -5.53 2.09
C SER A 331 -17.38 -6.79 1.26
N THR A 332 -18.07 -6.80 0.12
CA THR A 332 -18.05 -7.95 -0.79
C THR A 332 -16.71 -8.12 -1.50
N VAL A 333 -16.12 -7.01 -1.96
CA VAL A 333 -14.81 -7.04 -2.59
C VAL A 333 -13.77 -7.56 -1.59
N ILE A 334 -13.78 -7.01 -0.38
CA ILE A 334 -12.85 -7.45 0.65
C ILE A 334 -13.04 -8.92 0.95
N HIS A 335 -14.28 -9.38 1.01
CA HIS A 335 -14.53 -10.80 1.26
C HIS A 335 -13.91 -11.69 0.20
N GLN A 336 -14.05 -11.32 -1.08
CA GLN A 336 -13.43 -12.05 -2.17
C GLN A 336 -11.89 -12.01 -2.09
N LEU A 337 -11.33 -10.85 -1.78
CA LEU A 337 -9.88 -10.72 -1.67
C LEU A 337 -9.33 -11.57 -0.54
N VAL A 338 -9.96 -11.49 0.64
CA VAL A 338 -9.53 -12.27 1.79
C VAL A 338 -9.72 -13.77 1.50
N GLY A 339 -10.76 -14.10 0.75
CA GLY A 339 -11.00 -15.47 0.34
C GLY A 339 -9.83 -16.07 -0.43
N GLY A 340 -9.28 -15.28 -1.34
CA GLY A 340 -8.15 -15.73 -2.15
C GLY A 340 -6.93 -15.86 -1.26
N LEU A 341 -6.75 -14.92 -0.35
CA LEU A 341 -5.66 -14.99 0.61
C LEU A 341 -5.76 -16.23 1.48
N ARG A 342 -6.95 -16.52 1.99
CA ARG A 342 -7.15 -17.75 2.78
C ARG A 342 -6.81 -19.01 1.99
N ALA A 343 -7.19 -19.05 0.72
CA ALA A 343 -6.85 -20.19 -0.13
C ALA A 343 -5.33 -20.34 -0.24
N ALA A 344 -4.62 -19.23 -0.43
CA ALA A 344 -3.16 -19.28 -0.51
C ALA A 344 -2.58 -19.81 0.80
N MET A 345 -3.16 -19.41 1.92
CA MET A 345 -2.66 -19.87 3.21
C MET A 345 -2.89 -21.38 3.38
N GLY A 346 -4.03 -21.86 2.90
CA GLY A 346 -4.27 -23.30 2.86
C GLY A 346 -3.26 -24.07 2.01
N TYR A 347 -3.03 -23.60 0.79
CA TYR A 347 -2.09 -24.26 -0.11
C TYR A 347 -0.65 -24.29 0.40
N THR A 348 -0.24 -23.23 1.09
CA THR A 348 1.13 -23.10 1.57
C THR A 348 1.34 -23.60 2.99
N GLY A 349 0.26 -24.01 3.66
CA GLY A 349 0.39 -24.46 5.04
C GLY A 349 0.72 -23.33 6.00
N SER A 350 0.22 -22.13 5.70
CA SER A 350 0.47 -20.96 6.54
C SER A 350 -0.71 -20.68 7.48
N ALA A 351 -0.48 -20.88 8.78
CA ALA A 351 -1.55 -20.71 9.75
C ALA A 351 -1.77 -19.23 10.06
N THR A 352 -0.71 -18.46 9.85
CA THR A 352 -0.69 -17.04 10.17
C THR A 352 0.01 -16.29 9.04
N ILE A 353 -0.09 -14.97 9.06
CA ILE A 353 0.56 -14.14 8.03
C ILE A 353 2.07 -14.23 8.21
N GLU A 354 2.52 -14.30 9.46
CA GLU A 354 3.94 -14.49 9.73
C GLU A 354 4.50 -15.78 9.10
N GLU A 355 3.70 -16.85 9.06
CA GLU A 355 4.12 -18.07 8.40
C GLU A 355 4.11 -17.90 6.88
N LEU A 356 3.11 -17.18 6.38
CA LEU A 356 3.02 -16.95 4.93
C LEU A 356 4.25 -16.18 4.42
N GLN A 357 4.76 -15.27 5.25
CA GLN A 357 5.97 -14.52 4.92
C GLN A 357 7.19 -15.42 4.71
N GLN A 358 7.09 -16.69 5.09
CA GLN A 358 8.19 -17.62 4.91
C GLN A 358 7.97 -18.61 3.74
N ALA A 359 6.91 -18.40 2.98
CA ALA A 359 6.62 -19.29 1.85
C ALA A 359 7.61 -19.10 0.70
N GLN A 360 7.68 -20.08 -0.20
CA GLN A 360 8.59 -20.00 -1.34
C GLN A 360 7.88 -19.78 -2.66
N PHE A 361 8.61 -19.23 -3.61
CA PHE A 361 8.11 -18.98 -4.97
C PHE A 361 8.75 -19.89 -6.00
N VAL A 362 8.03 -20.07 -7.10
CA VAL A 362 8.64 -20.55 -8.33
C VAL A 362 8.58 -19.39 -9.33
N GLN A 363 9.67 -19.16 -10.07
CA GLN A 363 9.66 -18.12 -11.10
C GLN A 363 9.12 -18.71 -12.37
N ILE A 364 8.26 -17.99 -13.08
CA ILE A 364 7.73 -18.55 -14.31
C ILE A 364 8.22 -17.80 -15.53
N THR A 365 8.00 -18.38 -16.69
CA THR A 365 8.42 -17.77 -17.93
C THR A 365 7.27 -17.02 -18.58
N ALA A 366 7.60 -16.35 -19.68
CA ALA A 366 6.62 -15.64 -20.48
C ALA A 366 5.50 -16.55 -20.95
N ALA A 367 5.84 -17.79 -21.27
CA ALA A 367 4.84 -18.76 -21.72
C ALA A 367 3.85 -19.07 -20.61
N GLY A 368 4.33 -19.00 -19.37
CA GLY A 368 3.51 -19.24 -18.21
C GLY A 368 2.37 -18.24 -18.07
N LEU A 369 2.53 -17.07 -18.68
CA LEU A 369 1.43 -16.12 -18.75
C LEU A 369 0.58 -16.39 -19.99
#